data_7CI1
#
_entry.id   7CI1
#
_cell.length_a   84.287
_cell.length_b   84.287
_cell.length_c   264.171
_cell.angle_alpha   90.000
_cell.angle_beta   90.000
_cell.angle_gamma   120.000
#
_symmetry.space_group_name_H-M   'P 65'
#
loop_
_entity.id
_entity.type
_entity.pdbx_description
1 polymer AcrVA2
2 non-polymer SPERMIDINE
3 non-polymer 1,2-ETHANEDIOL
4 water water
#
_entity_poly.entity_id   1
_entity_poly.type   'polypeptide(L)'
_entity_poly.pdbx_seq_one_letter_code
;SMHHTIARMNAFNKAFANAKDCYKKMQAWHLLNKPKHAFFPMQNTPALDNGLAALYELRGGKEDAHILSILSRLYLYGAW
RNTLGIYQLDEEIIKDCKELPDDTPTSIFLNLPDWCVYVDISSAQIATFDDGVAKHIKGFWAIYDIVEMNGINHDVLDFV
VDTDTDDNVYVPQPFILSSGQSVAEVLDYGASLFDDDTSNTLIKGLLPYLLWLCVAEPDITYKGLPVSREELTRPKHSIN
KKTGAFVTPSEPFIYQIGERLGSEVRRYQSIIDGEQKRNRPHTKRPHIRRGHWHGYWQGTGQAKEFRVRWQPAVFVNSGR
VSS
;
_entity_poly.pdbx_strand_id   A,B
#
loop_
_chem_comp.id
_chem_comp.type
_chem_comp.name
_chem_comp.formula
EDO non-polymer 1,2-ETHANEDIOL 'C2 H6 O2'
SPD non-polymer SPERMIDINE 'C7 H19 N3'
#
# COMPACT_ATOMS: atom_id res chain seq x y z
N SER A 1 15.05 -5.98 26.73
CA SER A 1 13.91 -6.88 26.73
C SER A 1 14.01 -7.87 25.56
N MET A 2 13.36 -9.02 25.70
CA MET A 2 13.36 -10.01 24.63
C MET A 2 12.49 -9.56 23.46
N HIS A 3 13.01 -9.74 22.25
CA HIS A 3 12.29 -9.37 21.04
C HIS A 3 11.04 -10.24 20.90
N HIS A 4 9.95 -9.62 20.45
CA HIS A 4 8.66 -10.32 20.39
C HIS A 4 8.70 -11.53 19.45
N THR A 5 9.48 -11.45 18.36
CA THR A 5 9.60 -12.60 17.47
C THR A 5 10.14 -13.82 18.21
N ILE A 6 11.19 -13.62 19.00
CA ILE A 6 11.80 -14.72 19.74
C ILE A 6 10.84 -15.29 20.77
N ALA A 7 10.11 -14.41 21.46
CA ALA A 7 9.15 -14.87 22.45
C ALA A 7 8.05 -15.72 21.80
N ARG A 8 7.55 -15.28 20.65
CA ARG A 8 6.52 -16.05 19.98
C ARG A 8 7.09 -17.36 19.43
N MET A 9 8.33 -17.35 18.96
CA MET A 9 8.94 -18.59 18.50
C MET A 9 9.08 -19.59 19.66
N ASN A 10 9.54 -19.12 20.82
CA ASN A 10 9.66 -19.99 21.98
C ASN A 10 8.30 -20.54 22.40
N ALA A 11 7.28 -19.67 22.43
CA ALA A 11 5.95 -20.12 22.81
C ALA A 11 5.42 -21.16 21.84
N PHE A 12 5.67 -20.98 20.54
CA PHE A 12 5.27 -21.98 19.56
C PHE A 12 6.01 -23.30 19.77
N ASN A 13 7.32 -23.23 20.00
CA ASN A 13 8.10 -24.43 20.26
C ASN A 13 7.58 -25.18 21.48
N LYS A 14 7.07 -24.43 22.46
CA LYS A 14 6.48 -25.06 23.64
C LYS A 14 5.11 -25.66 23.33
N ALA A 15 4.27 -24.93 22.58
CA ALA A 15 2.90 -25.36 22.34
C ALA A 15 2.81 -26.52 21.35
N PHE A 16 3.79 -26.64 20.46
CA PHE A 16 3.88 -27.75 19.51
C PHE A 16 5.15 -28.52 19.85
N ALA A 17 5.01 -29.55 20.71
CA ALA A 17 6.16 -30.18 21.34
C ALA A 17 7.09 -30.87 20.36
N ASN A 18 6.60 -31.29 19.21
CA ASN A 18 7.44 -31.97 18.26
C ASN A 18 8.24 -31.07 17.35
N ALA A 19 8.13 -29.76 17.52
CA ALA A 19 8.87 -28.81 16.71
C ALA A 19 10.37 -29.04 16.62
N LYS A 20 11.05 -29.20 17.77
CA LYS A 20 12.48 -29.44 17.74
C LYS A 20 12.89 -30.68 16.95
N ASP A 21 12.12 -31.77 17.06
CA ASP A 21 12.34 -32.96 16.28
C ASP A 21 12.15 -32.66 14.82
N CYS A 22 11.13 -31.89 14.50
CA CYS A 22 10.91 -31.49 13.14
C CYS A 22 12.08 -30.66 12.64
N TYR A 23 12.62 -29.76 13.45
CA TYR A 23 13.78 -29.00 13.03
C TYR A 23 14.96 -29.97 12.76
N LYS A 24 15.16 -30.97 13.60
CA LYS A 24 16.20 -31.95 13.33
C LYS A 24 15.99 -32.69 12.02
N LYS A 25 14.76 -33.04 11.71
CA LYS A 25 14.49 -33.64 10.43
C LYS A 25 14.84 -32.72 9.29
N MET A 26 14.49 -31.45 9.41
CA MET A 26 14.84 -30.48 8.38
C MET A 26 16.34 -30.43 8.18
N GLN A 27 17.09 -30.41 9.28
CA GLN A 27 18.55 -30.38 9.18
C GLN A 27 19.03 -31.59 8.39
N ALA A 28 18.51 -32.78 8.73
CA ALA A 28 18.92 -33.97 8.00
C ALA A 28 18.63 -33.81 6.53
N TRP A 29 17.41 -33.36 6.21
CA TRP A 29 17.06 -33.18 4.81
C TRP A 29 18.04 -32.25 4.14
N HIS A 30 18.35 -31.12 4.80
CA HIS A 30 19.25 -30.16 4.18
C HIS A 30 20.59 -30.82 3.89
N LEU A 31 21.13 -31.54 4.87
CA LEU A 31 22.44 -32.16 4.67
C LEU A 31 22.40 -33.15 3.51
N LEU A 32 21.28 -33.85 3.35
CA LEU A 32 21.19 -34.79 2.24
C LEU A 32 21.16 -34.06 0.91
N ASN A 33 20.36 -33.00 0.79
CA ASN A 33 20.10 -32.45 -0.53
C ASN A 33 20.99 -31.26 -0.88
N LYS A 34 21.41 -30.49 0.12
CA LYS A 34 22.26 -29.33 -0.08
C LYS A 34 21.75 -28.41 -1.20
N PRO A 35 20.57 -27.81 -1.01
CA PRO A 35 20.03 -26.91 -2.04
C PRO A 35 20.84 -25.62 -2.11
N LYS A 36 20.65 -24.92 -3.22
CA LYS A 36 21.48 -23.74 -3.50
C LYS A 36 21.11 -22.57 -2.60
N HIS A 37 19.83 -22.35 -2.36
CA HIS A 37 19.39 -21.17 -1.63
C HIS A 37 18.49 -21.50 -0.45
N ALA A 38 17.59 -22.45 -0.58
CA ALA A 38 16.63 -22.71 0.49
C ALA A 38 17.28 -23.56 1.57
N PHE A 39 16.60 -23.63 2.71
CA PHE A 39 16.98 -24.55 3.77
C PHE A 39 16.19 -25.84 3.71
N PHE A 40 14.88 -25.74 3.50
CA PHE A 40 13.95 -26.85 3.50
C PHE A 40 12.66 -26.37 2.84
N PRO A 41 12.13 -27.09 1.86
CA PRO A 41 10.99 -26.58 1.11
C PRO A 41 9.68 -26.71 1.88
N MET A 42 8.81 -25.73 1.64
CA MET A 42 7.50 -25.69 2.25
C MET A 42 6.74 -26.97 1.88
N GLN A 43 7.00 -27.48 0.69
CA GLN A 43 6.36 -28.70 0.18
C GLN A 43 6.51 -29.89 1.11
N ASN A 44 7.69 -30.06 1.67
CA ASN A 44 7.96 -31.20 2.54
C ASN A 44 7.48 -31.07 3.98
N THR A 45 6.96 -29.92 4.37
CA THR A 45 6.53 -29.79 5.77
C THR A 45 5.47 -30.81 6.20
N PRO A 46 4.49 -31.21 5.37
CA PRO A 46 3.54 -32.24 5.85
C PRO A 46 4.22 -33.54 6.28
N ALA A 47 5.30 -33.93 5.59
CA ALA A 47 5.99 -35.16 5.92
C ALA A 47 6.73 -35.11 7.26
N LEU A 48 6.97 -33.91 7.79
CA LEU A 48 7.84 -33.80 8.97
C LEU A 48 7.23 -34.47 10.19
N ASP A 49 5.91 -34.35 10.37
CA ASP A 49 5.24 -34.92 11.54
C ASP A 49 4.09 -35.78 11.06
N ASN A 50 4.00 -37.00 11.61
CA ASN A 50 3.04 -37.97 11.10
C ASN A 50 1.61 -37.62 11.50
N GLY A 51 1.39 -37.16 12.73
CA GLY A 51 0.06 -36.72 13.13
C GLY A 51 -0.44 -35.57 12.28
N LEU A 52 0.43 -34.59 12.03
CA LEU A 52 0.05 -33.47 11.16
C LEU A 52 -0.21 -33.95 9.74
N ALA A 53 0.60 -34.88 9.24
CA ALA A 53 0.35 -35.42 7.91
C ALA A 53 -1.01 -36.11 7.84
N ALA A 54 -1.36 -36.84 8.89
CA ALA A 54 -2.65 -37.53 8.92
C ALA A 54 -3.80 -36.54 8.92
N LEU A 55 -3.72 -35.51 9.77
CA LEU A 55 -4.76 -34.49 9.79
C LEU A 55 -4.82 -33.73 8.48
N TYR A 56 -3.66 -33.52 7.85
CA TYR A 56 -3.57 -32.83 6.56
C TYR A 56 -4.17 -33.65 5.44
N GLU A 57 -4.19 -34.98 5.59
CA GLU A 57 -4.76 -35.83 4.55
C GLU A 57 -6.29 -35.83 4.55
N LEU A 58 -6.91 -35.37 5.63
CA LEU A 58 -8.35 -35.28 5.67
C LEU A 58 -8.93 -34.29 4.67
N ARG A 59 -10.18 -34.51 4.31
CA ARG A 59 -10.85 -33.62 3.37
C ARG A 59 -10.93 -32.30 4.11
N GLY A 60 -10.46 -31.25 3.47
CA GLY A 60 -10.44 -29.97 4.12
C GLY A 60 -9.27 -29.69 5.04
N GLY A 61 -8.37 -30.66 5.20
CA GLY A 61 -7.14 -30.58 5.95
C GLY A 61 -6.20 -29.65 5.20
N LYS A 62 -6.24 -29.70 3.90
CA LYS A 62 -5.42 -28.89 3.05
C LYS A 62 -5.68 -27.39 3.20
N GLU A 63 -6.91 -27.01 3.51
CA GLU A 63 -7.28 -25.65 3.70
C GLU A 63 -7.50 -25.26 5.14
N ASP A 64 -7.20 -26.12 6.09
CA ASP A 64 -7.41 -25.81 7.48
C ASP A 64 -6.44 -24.75 7.97
N ALA A 65 -6.94 -23.74 8.63
CA ALA A 65 -6.07 -22.69 9.09
C ALA A 65 -5.03 -23.07 10.12
N HIS A 66 -5.40 -23.82 11.12
CA HIS A 66 -4.47 -24.19 12.17
C HIS A 66 -3.29 -25.03 11.69
N ILE A 67 -3.62 -25.99 10.87
CA ILE A 67 -2.63 -26.88 10.36
C ILE A 67 -1.64 -26.19 9.51
N LEU A 68 -2.15 -25.32 8.66
CA LEU A 68 -1.36 -24.54 7.78
C LEU A 68 -0.43 -23.63 8.57
N SER A 69 -0.92 -23.06 9.65
CA SER A 69 -0.13 -22.25 10.47
C SER A 69 1.04 -23.05 11.09
N ILE A 70 0.76 -24.25 11.60
CA ILE A 70 1.81 -25.04 12.16
C ILE A 70 2.83 -25.40 11.14
N LEU A 71 2.38 -25.77 9.95
CA LEU A 71 3.31 -26.11 8.94
C LEU A 71 4.16 -24.94 8.51
N SER A 72 3.55 -23.78 8.42
CA SER A 72 4.21 -22.59 7.99
C SER A 72 5.30 -22.20 8.95
N ARG A 73 4.99 -22.30 10.21
CA ARG A 73 5.89 -21.96 11.27
C ARG A 73 7.05 -22.90 11.43
N LEU A 74 6.82 -24.18 11.20
CA LEU A 74 7.93 -25.13 11.15
C LEU A 74 8.89 -24.76 10.02
N TYR A 75 8.34 -24.48 8.84
CA TYR A 75 9.14 -24.06 7.70
C TYR A 75 9.94 -22.80 8.01
N LEU A 76 9.29 -21.81 8.61
CA LEU A 76 9.93 -20.53 8.91
C LEU A 76 11.02 -20.68 9.96
N TYR A 77 10.65 -21.18 11.14
CA TYR A 77 11.59 -21.24 12.26
C TYR A 77 12.73 -22.22 11.98
N GLY A 78 12.48 -23.32 11.27
CA GLY A 78 13.55 -24.25 11.00
C GLY A 78 14.72 -23.61 10.28
N ALA A 79 14.43 -22.77 9.30
CA ALA A 79 15.50 -22.01 8.64
C ALA A 79 16.00 -20.87 9.53
N TRP A 80 15.09 -20.13 10.16
CA TRP A 80 15.50 -18.88 10.80
C TRP A 80 16.29 -19.10 12.07
N ARG A 81 16.03 -20.19 12.79
CA ARG A 81 16.68 -20.40 14.10
C ARG A 81 18.17 -20.65 13.96
N ASN A 82 18.66 -20.96 12.76
CA ASN A 82 20.07 -21.16 12.57
C ASN A 82 20.84 -19.85 12.52
N THR A 83 20.17 -18.72 12.30
CA THR A 83 20.87 -17.44 12.22
C THR A 83 20.28 -16.35 13.11
N LEU A 84 18.95 -16.27 13.20
CA LEU A 84 18.27 -15.26 14.01
C LEU A 84 18.70 -13.83 13.64
N GLY A 85 18.84 -13.58 12.35
CA GLY A 85 19.14 -12.23 11.89
C GLY A 85 17.93 -11.31 11.87
N ILE A 86 18.00 -10.22 12.64
CA ILE A 86 16.99 -9.18 12.68
C ILE A 86 17.64 -7.89 12.18
N TYR A 87 17.07 -7.31 11.13
CA TYR A 87 17.62 -6.12 10.49
C TYR A 87 16.61 -4.98 10.64
N GLN A 88 16.96 -3.96 11.40
CA GLN A 88 16.06 -2.85 11.68
C GLN A 88 16.38 -1.70 10.73
N LEU A 89 15.39 -1.28 9.93
CA LEU A 89 15.66 -0.15 9.04
C LEU A 89 15.56 1.17 9.76
N ASP A 90 16.53 2.04 9.47
CA ASP A 90 16.54 3.39 10.03
C ASP A 90 15.36 4.20 9.53
N GLU A 91 14.83 5.02 10.44
CA GLU A 91 13.63 5.81 10.20
C GLU A 91 13.74 6.71 8.97
N GLU A 92 14.89 7.38 8.80
CA GLU A 92 15.06 8.24 7.64
C GLU A 92 15.15 7.45 6.33
N ILE A 93 15.68 6.24 6.39
CA ILE A 93 15.78 5.46 5.16
C ILE A 93 14.50 4.70 4.85
N ILE A 94 13.80 4.22 5.88
CA ILE A 94 12.54 3.53 5.65
C ILE A 94 11.65 4.43 4.81
N LYS A 95 11.71 5.72 5.09
CA LYS A 95 10.81 6.67 4.49
C LYS A 95 11.10 7.00 3.03
N ASP A 96 12.29 6.74 2.58
CA ASP A 96 12.71 6.96 1.25
C ASP A 96 12.77 5.70 0.44
N CYS A 97 12.36 4.57 0.99
CA CYS A 97 12.36 3.32 0.25
C CYS A 97 10.99 3.10 -0.20
N LYS A 98 10.71 3.42 -1.43
CA LYS A 98 9.38 3.32 -1.87
C LYS A 98 9.22 2.44 -3.00
N GLU A 99 10.14 2.40 -3.92
CA GLU A 99 9.97 1.49 -5.01
C GLU A 99 11.22 1.15 -5.63
N LEU A 100 11.13 0.17 -6.47
CA LEU A 100 12.23 -0.21 -7.25
C LEU A 100 12.03 0.26 -8.63
N PRO A 101 13.05 0.16 -9.39
CA PRO A 101 12.91 0.39 -10.82
C PRO A 101 12.22 -0.86 -11.35
N ASP A 102 11.28 -0.74 -12.28
CA ASP A 102 10.58 -1.93 -12.80
C ASP A 102 11.51 -2.95 -13.47
N ASP A 103 12.57 -2.44 -14.09
CA ASP A 103 13.61 -3.21 -14.73
C ASP A 103 14.47 -4.13 -13.85
N THR A 104 14.44 -3.93 -12.54
CA THR A 104 15.15 -4.70 -11.59
C THR A 104 14.83 -6.13 -11.78
N PRO A 105 15.85 -6.93 -11.91
CA PRO A 105 15.84 -8.35 -12.15
C PRO A 105 15.43 -9.12 -10.95
N THR A 106 14.84 -10.26 -11.17
CA THR A 106 14.48 -11.06 -10.03
C THR A 106 15.70 -11.71 -9.45
N SER A 107 16.71 -11.92 -10.27
CA SER A 107 17.94 -12.59 -9.88
C SER A 107 18.65 -11.89 -8.72
N ILE A 108 18.52 -10.56 -8.63
CA ILE A 108 19.21 -9.83 -7.57
C ILE A 108 18.75 -10.27 -6.19
N PHE A 109 17.54 -10.81 -6.09
CA PHE A 109 17.04 -11.24 -4.79
C PHE A 109 17.50 -12.64 -4.41
N LEU A 110 18.40 -13.22 -5.20
CA LEU A 110 19.13 -14.41 -4.80
C LEU A 110 20.34 -14.09 -3.92
N ASN A 111 20.57 -12.81 -3.62
CA ASN A 111 21.77 -12.34 -2.95
C ASN A 111 21.60 -12.18 -1.44
N LEU A 112 20.57 -12.77 -0.86
CA LEU A 112 20.36 -12.62 0.57
C LEU A 112 21.43 -13.40 1.35
N PRO A 113 21.81 -12.91 2.54
CA PRO A 113 22.93 -13.53 3.27
C PRO A 113 22.58 -14.84 3.95
N ASP A 114 21.33 -15.03 4.35
CA ASP A 114 20.94 -16.23 5.06
C ASP A 114 19.76 -16.90 4.37
N TRP A 115 19.40 -18.09 4.85
CA TRP A 115 18.21 -18.78 4.35
C TRP A 115 16.96 -17.97 4.65
N CYS A 116 16.95 -17.28 5.79
CA CYS A 116 15.79 -16.53 6.25
C CYS A 116 16.30 -15.34 7.05
N VAL A 117 15.81 -14.15 6.71
CA VAL A 117 16.13 -12.94 7.46
C VAL A 117 14.82 -12.30 7.92
N TYR A 118 14.88 -11.61 9.05
CA TYR A 118 13.76 -10.81 9.53
C TYR A 118 14.10 -9.34 9.34
N VAL A 119 13.14 -8.57 8.83
CA VAL A 119 13.31 -7.15 8.57
C VAL A 119 12.26 -6.39 9.37
N ASP A 120 12.72 -5.43 10.17
CA ASP A 120 11.87 -4.59 11.00
C ASP A 120 11.64 -3.28 10.26
N ILE A 121 10.38 -3.06 9.87
CA ILE A 121 9.91 -1.88 9.14
C ILE A 121 8.76 -1.22 9.91
N SER A 122 8.81 -1.27 11.24
CA SER A 122 7.70 -0.76 12.05
C SER A 122 7.38 0.69 11.72
N SER A 123 8.40 1.51 11.48
CA SER A 123 8.18 2.94 11.25
C SER A 123 7.59 3.24 9.88
N ALA A 124 7.51 2.27 8.98
CA ALA A 124 6.85 2.50 7.70
C ALA A 124 5.35 2.62 7.85
N GLN A 125 4.79 2.20 8.99
CA GLN A 125 3.36 2.27 9.26
C GLN A 125 2.54 1.67 8.11
N ILE A 126 2.94 0.49 7.69
CA ILE A 126 2.22 -0.30 6.71
C ILE A 126 1.25 -1.18 7.46
N ALA A 127 0.08 -1.40 6.89
CA ALA A 127 -0.91 -2.26 7.54
C ALA A 127 -1.34 -3.37 6.59
N THR A 128 -2.14 -4.26 7.12
CA THR A 128 -2.63 -5.37 6.38
C THR A 128 -3.86 -5.92 7.00
N PHE A 129 -4.39 -6.95 6.37
CA PHE A 129 -5.57 -7.63 6.83
C PHE A 129 -5.50 -9.11 7.02
N ASP A 130 -5.48 -9.49 8.28
CA ASP A 130 -5.69 -10.84 8.70
C ASP A 130 -7.22 -10.57 8.62
N ASP A 131 -7.91 -11.26 7.74
CA ASP A 131 -9.28 -10.94 7.40
C ASP A 131 -10.27 -10.70 8.53
N GLY A 132 -10.89 -9.55 8.36
CA GLY A 132 -11.76 -8.99 9.33
C GLY A 132 -11.01 -7.96 10.16
N VAL A 133 -9.69 -7.94 10.12
CA VAL A 133 -9.02 -6.96 10.94
C VAL A 133 -7.80 -6.34 10.32
N ALA A 134 -7.68 -5.08 10.57
CA ALA A 134 -6.57 -4.30 10.12
C ALA A 134 -5.49 -4.34 11.16
N LYS A 135 -4.27 -4.61 10.73
CA LYS A 135 -3.16 -4.73 11.64
C LYS A 135 -1.91 -4.05 11.20
N HIS A 136 -1.14 -3.56 12.13
CA HIS A 136 0.16 -2.95 11.83
C HIS A 136 1.19 -4.01 11.51
N ILE A 137 1.89 -3.85 10.39
CA ILE A 137 2.97 -4.76 10.03
C ILE A 137 4.21 -4.32 10.81
N LYS A 138 4.58 -5.09 11.84
CA LYS A 138 5.82 -4.82 12.54
C LYS A 138 7.03 -5.20 11.70
N GLY A 139 6.92 -6.27 10.93
CA GLY A 139 8.06 -6.65 10.11
C GLY A 139 7.72 -7.81 9.20
N PHE A 140 8.75 -8.39 8.60
CA PHE A 140 8.51 -9.54 7.75
C PHE A 140 9.76 -10.41 7.65
N TRP A 141 9.53 -11.71 7.48
CA TRP A 141 10.59 -12.64 7.14
C TRP A 141 10.65 -12.81 5.63
N ALA A 142 11.87 -12.83 5.10
CA ALA A 142 12.14 -13.27 3.73
C ALA A 142 12.91 -14.59 3.82
N ILE A 143 12.38 -15.62 3.17
CA ILE A 143 12.93 -16.98 3.31
C ILE A 143 12.86 -17.68 1.96
N TYR A 144 13.94 -18.35 1.58
CA TYR A 144 13.95 -19.03 0.29
C TYR A 144 13.11 -20.31 0.35
N ASP A 145 12.61 -20.71 -0.81
CA ASP A 145 11.81 -21.90 -0.98
C ASP A 145 12.15 -22.49 -2.34
N ILE A 146 11.94 -23.79 -2.47
CA ILE A 146 12.22 -24.46 -3.73
C ILE A 146 10.95 -25.24 -4.06
N VAL A 147 10.34 -24.96 -5.21
CA VAL A 147 9.02 -25.49 -5.52
C VAL A 147 9.04 -26.21 -6.87
N GLU A 148 8.54 -27.44 -6.89
CA GLU A 148 8.34 -28.15 -8.15
C GLU A 148 6.94 -27.80 -8.66
N MET A 149 6.90 -27.12 -9.80
CA MET A 149 5.66 -26.76 -10.44
C MET A 149 5.69 -27.40 -11.81
N ASN A 150 4.69 -28.24 -12.09
CA ASN A 150 4.57 -28.96 -13.35
C ASN A 150 5.84 -29.76 -13.69
N GLY A 151 6.37 -30.46 -12.70
CA GLY A 151 7.54 -31.30 -12.88
C GLY A 151 8.93 -30.69 -12.82
N ILE A 152 9.02 -29.39 -12.60
CA ILE A 152 10.34 -28.77 -12.56
C ILE A 152 10.56 -27.87 -11.34
N ASN A 153 11.76 -27.90 -10.79
CA ASN A 153 12.12 -27.07 -9.63
C ASN A 153 12.24 -25.59 -9.99
N HIS A 154 11.85 -24.74 -9.03
CA HIS A 154 11.80 -23.29 -9.17
C HIS A 154 12.30 -22.65 -7.89
N ASP A 155 13.11 -21.60 -8.04
CA ASP A 155 13.57 -20.79 -6.92
C ASP A 155 12.50 -19.77 -6.55
N VAL A 156 12.06 -19.77 -5.29
CA VAL A 156 11.02 -18.87 -4.82
C VAL A 156 11.52 -18.13 -3.59
N LEU A 157 11.15 -16.87 -3.46
CA LEU A 157 11.33 -16.11 -2.23
C LEU A 157 9.97 -15.96 -1.57
N ASP A 158 9.83 -16.47 -0.36
CA ASP A 158 8.59 -16.38 0.40
C ASP A 158 8.67 -15.24 1.40
N PHE A 159 7.56 -14.55 1.57
CA PHE A 159 7.44 -13.45 2.53
C PHE A 159 6.42 -13.83 3.59
N VAL A 160 6.80 -13.69 4.86
CA VAL A 160 5.91 -13.98 5.98
C VAL A 160 5.75 -12.71 6.79
N VAL A 161 4.51 -12.25 6.91
CA VAL A 161 4.22 -10.99 7.59
C VAL A 161 4.20 -11.20 9.10
N ASP A 162 4.74 -10.24 9.84
CA ASP A 162 4.71 -10.28 11.30
C ASP A 162 3.98 -9.05 11.81
N THR A 163 2.81 -9.29 12.40
CA THR A 163 1.98 -8.27 13.02
C THR A 163 2.04 -8.30 14.54
N ASP A 164 2.84 -9.22 15.11
CA ASP A 164 2.96 -9.37 16.56
C ASP A 164 1.59 -9.57 17.22
N THR A 165 0.83 -10.52 16.71
CA THR A 165 -0.49 -10.84 17.25
C THR A 165 -0.63 -12.35 17.39
N ASP A 166 -1.49 -12.75 18.34
CA ASP A 166 -1.69 -14.17 18.62
C ASP A 166 -2.19 -14.92 17.39
N ASP A 167 -3.12 -14.30 16.65
CA ASP A 167 -3.73 -14.91 15.48
C ASP A 167 -3.04 -14.48 14.19
N ASN A 168 -1.75 -14.15 14.25
CA ASN A 168 -1.02 -13.73 13.06
C ASN A 168 -1.07 -14.82 12.00
N VAL A 169 -1.26 -14.40 10.75
CA VAL A 169 -1.22 -15.32 9.62
C VAL A 169 0.24 -15.48 9.22
N TYR A 170 0.79 -16.67 9.44
CA TYR A 170 2.17 -16.99 9.13
C TYR A 170 2.34 -17.63 7.77
N VAL A 171 1.25 -17.80 7.01
CA VAL A 171 1.34 -18.48 5.71
C VAL A 171 2.23 -17.67 4.78
N PRO A 172 3.21 -18.29 4.13
CA PRO A 172 4.11 -17.53 3.26
C PRO A 172 3.40 -17.06 2.00
N GLN A 173 3.91 -15.96 1.45
CA GLN A 173 3.47 -15.41 0.18
C GLN A 173 4.59 -15.56 -0.83
N PRO A 174 4.41 -16.35 -1.89
CA PRO A 174 5.53 -16.68 -2.77
C PRO A 174 5.80 -15.61 -3.79
N PHE A 175 7.01 -15.60 -4.30
CA PHE A 175 7.46 -14.70 -5.29
C PHE A 175 8.52 -15.44 -6.10
N ILE A 176 8.21 -15.80 -7.32
CA ILE A 176 9.11 -16.57 -8.15
C ILE A 176 10.33 -15.85 -8.64
N LEU A 177 11.52 -16.44 -8.53
CA LEU A 177 12.76 -15.82 -9.03
C LEU A 177 13.51 -16.59 -10.09
N SER A 178 13.12 -17.78 -10.39
CA SER A 178 13.79 -18.63 -11.36
C SER A 178 13.77 -18.18 -12.86
N SER A 179 12.90 -17.24 -13.20
CA SER A 179 12.67 -16.81 -14.56
C SER A 179 13.74 -16.16 -15.43
N GLY A 180 14.53 -15.27 -14.89
CA GLY A 180 15.44 -14.53 -15.74
C GLY A 180 14.78 -13.23 -16.22
N GLN A 181 13.58 -12.95 -15.70
CA GLN A 181 12.74 -11.81 -15.93
C GLN A 181 12.88 -10.72 -14.91
N SER A 182 11.97 -9.76 -14.92
CA SER A 182 12.04 -8.65 -13.98
C SER A 182 10.93 -8.68 -13.04
N VAL A 183 11.10 -7.93 -11.97
CA VAL A 183 10.12 -7.79 -10.95
C VAL A 183 8.76 -7.41 -11.48
N ALA A 184 8.69 -6.37 -12.31
CA ALA A 184 7.43 -5.94 -12.85
C ALA A 184 6.74 -7.03 -13.68
N GLU A 185 7.50 -7.75 -14.46
CA GLU A 185 6.96 -8.81 -15.23
C GLU A 185 6.36 -9.92 -14.37
N VAL A 186 7.13 -10.40 -13.41
CA VAL A 186 6.73 -11.49 -12.57
C VAL A 186 5.57 -11.07 -11.78
N LEU A 187 5.57 -9.85 -11.31
CA LEU A 187 4.47 -9.46 -10.49
C LEU A 187 3.33 -8.92 -11.27
N ASP A 188 3.50 -7.74 -11.86
CA ASP A 188 2.37 -7.08 -12.50
C ASP A 188 1.75 -7.81 -13.65
N TYR A 189 2.56 -8.31 -14.56
CA TYR A 189 1.97 -9.05 -15.61
C TYR A 189 1.39 -10.31 -15.00
N GLY A 190 2.16 -10.98 -14.17
CA GLY A 190 1.70 -12.21 -13.57
C GLY A 190 2.54 -13.36 -14.07
N ASP A 197 -2.70 -11.34 -6.53
CA ASP A 197 -2.29 -9.97 -6.75
C ASP A 197 -2.39 -9.21 -5.46
N THR A 198 -3.16 -9.69 -4.48
CA THR A 198 -3.18 -9.03 -3.19
C THR A 198 -1.80 -9.22 -2.57
N SER A 199 -1.33 -10.47 -2.69
CA SER A 199 -0.05 -10.94 -2.30
C SER A 199 0.95 -10.22 -3.13
N ASN A 200 0.70 -10.08 -4.43
CA ASN A 200 1.65 -9.38 -5.22
C ASN A 200 1.83 -7.93 -4.81
N THR A 201 0.77 -7.27 -4.46
CA THR A 201 0.81 -5.91 -4.02
C THR A 201 1.58 -5.82 -2.76
N LEU A 202 1.40 -6.70 -1.82
CA LEU A 202 2.13 -6.60 -0.56
C LEU A 202 3.64 -6.75 -0.73
N ILE A 203 3.96 -7.70 -1.55
CA ILE A 203 5.29 -8.01 -1.88
C ILE A 203 5.97 -6.89 -2.59
N LYS A 204 5.27 -6.20 -3.47
CA LYS A 204 5.82 -5.10 -4.20
C LYS A 204 6.22 -4.00 -3.22
N GLY A 205 5.42 -3.75 -2.22
CA GLY A 205 5.74 -2.83 -1.17
C GLY A 205 6.94 -3.23 -0.33
N LEU A 206 7.05 -4.49 -0.01
CA LEU A 206 8.17 -5.04 0.72
C LEU A 206 9.49 -5.11 -0.04
N LEU A 207 9.49 -5.22 -1.35
CA LEU A 207 10.78 -5.36 -2.02
C LEU A 207 11.80 -4.24 -1.81
N PRO A 208 11.37 -2.98 -1.78
CA PRO A 208 12.34 -1.89 -1.55
C PRO A 208 13.10 -2.02 -0.24
N TYR A 209 12.47 -2.52 0.81
CA TYR A 209 13.17 -2.70 2.07
C TYR A 209 14.16 -3.87 2.00
N LEU A 210 13.74 -4.99 1.43
CA LEU A 210 14.61 -6.15 1.35
C LEU A 210 15.82 -5.91 0.45
N LEU A 211 15.75 -4.93 -0.45
CA LEU A 211 16.83 -4.71 -1.40
C LEU A 211 18.14 -4.38 -0.70
N TRP A 212 18.07 -3.82 0.51
CA TRP A 212 19.28 -3.45 1.24
C TRP A 212 20.17 -4.66 1.50
N LEU A 213 19.58 -5.83 1.70
CA LEU A 213 20.34 -7.05 1.94
C LEU A 213 20.77 -7.74 0.65
N CYS A 214 20.62 -7.08 -0.49
CA CYS A 214 20.99 -7.66 -1.77
C CYS A 214 21.98 -6.83 -2.57
N VAL A 215 22.10 -5.52 -2.30
CA VAL A 215 22.93 -4.65 -3.12
C VAL A 215 24.40 -4.78 -2.70
N ALA A 216 25.28 -4.36 -3.61
CA ALA A 216 26.72 -4.52 -3.39
C ALA A 216 27.23 -3.55 -2.33
N GLU A 217 26.60 -2.39 -2.15
CA GLU A 217 27.06 -1.37 -1.21
C GLU A 217 25.92 -1.00 -0.27
N PRO A 218 25.64 -1.84 0.72
CA PRO A 218 24.63 -1.51 1.72
C PRO A 218 25.21 -0.67 2.85
N ASP A 219 24.31 -0.17 3.69
CA ASP A 219 24.69 0.50 4.94
C ASP A 219 24.18 -0.39 6.07
N ILE A 220 25.01 -1.33 6.49
CA ILE A 220 24.66 -2.25 7.58
C ILE A 220 25.68 -2.07 8.70
N THR A 221 25.18 -1.89 9.92
CA THR A 221 26.02 -1.76 11.09
C THR A 221 25.56 -2.73 12.17
N TYR A 222 26.53 -3.27 12.91
CA TYR A 222 26.27 -4.11 14.07
C TYR A 222 26.89 -3.44 15.28
N LYS A 223 26.06 -2.98 16.20
CA LYS A 223 26.50 -2.28 17.40
C LYS A 223 27.42 -1.12 17.07
N GLY A 224 27.08 -0.41 15.98
CA GLY A 224 27.82 0.74 15.54
C GLY A 224 28.97 0.44 14.63
N LEU A 225 29.29 -0.83 14.40
CA LEU A 225 30.42 -1.15 13.55
C LEU A 225 29.97 -1.49 12.15
N PRO A 226 30.61 -0.96 11.12
CA PRO A 226 30.19 -1.26 9.75
C PRO A 226 30.37 -2.73 9.42
N VAL A 227 29.42 -3.28 8.71
CA VAL A 227 29.47 -4.62 8.27
C VAL A 227 29.41 -4.53 6.79
N SER A 228 30.51 -4.83 6.19
CA SER A 228 30.56 -4.82 4.78
C SER A 228 29.87 -6.00 4.16
N ARG A 229 29.63 -5.87 2.88
CA ARG A 229 29.01 -6.89 2.13
C ARG A 229 29.83 -8.17 2.15
N GLU A 230 31.14 -8.07 2.05
CA GLU A 230 31.96 -9.24 2.16
C GLU A 230 31.82 -9.87 3.56
N GLU A 231 31.82 -9.07 4.61
CA GLU A 231 31.67 -9.54 5.98
C GLU A 231 30.34 -10.26 6.17
N LEU A 232 29.26 -9.69 5.65
CA LEU A 232 27.95 -10.24 5.80
C LEU A 232 27.77 -11.58 5.17
N THR A 233 28.39 -11.74 4.04
CA THR A 233 28.34 -12.91 3.26
C THR A 233 29.36 -13.98 3.64
N ARG A 234 30.25 -13.71 4.58
CA ARG A 234 31.26 -14.67 4.99
C ARG A 234 30.62 -15.92 5.49
N PRO A 235 31.16 -17.06 5.11
CA PRO A 235 30.65 -18.36 5.50
C PRO A 235 30.67 -18.53 6.97
N LYS A 236 29.61 -19.12 7.45
CA LYS A 236 29.44 -19.36 8.85
C LYS A 236 29.90 -20.77 9.20
N HIS A 237 30.19 -21.00 10.46
CA HIS A 237 30.61 -22.33 10.83
C HIS A 237 29.43 -23.06 11.41
N ILE A 239 27.37 -25.80 11.82
CA ILE A 239 27.61 -27.25 11.76
C ILE A 239 28.94 -27.72 12.30
N ASN A 240 28.88 -28.49 13.36
CA ASN A 240 30.04 -29.09 13.97
C ASN A 240 30.48 -30.15 12.97
N LYS A 241 31.70 -30.01 12.48
CA LYS A 241 32.26 -30.87 11.46
C LYS A 241 32.59 -32.33 11.83
N LYS A 242 32.57 -32.64 13.10
CA LYS A 242 32.86 -33.98 13.51
C LYS A 242 31.58 -34.70 13.93
N THR A 243 30.57 -33.91 14.25
CA THR A 243 29.34 -34.39 14.73
C THR A 243 28.14 -34.16 13.81
N GLY A 244 28.21 -33.19 12.93
CA GLY A 244 27.14 -32.83 12.01
C GLY A 244 25.99 -32.05 12.60
N ALA A 245 26.08 -31.71 13.86
CA ALA A 245 25.09 -30.99 14.55
C ALA A 245 25.10 -29.52 14.15
N PHE A 246 23.95 -28.91 14.26
CA PHE A 246 23.82 -27.53 13.97
C PHE A 246 23.97 -26.80 15.27
N VAL A 247 24.58 -25.63 15.22
CA VAL A 247 24.62 -24.87 16.45
C VAL A 247 23.81 -23.65 16.20
N THR A 248 22.87 -23.43 17.08
CA THR A 248 22.01 -22.34 16.90
C THR A 248 22.16 -21.25 17.92
N PRO A 249 21.98 -19.99 17.51
CA PRO A 249 22.15 -18.87 18.43
C PRO A 249 21.12 -18.91 19.54
N SER A 250 21.52 -18.44 20.71
CA SER A 250 20.60 -18.31 21.84
C SER A 250 19.96 -16.93 21.92
N GLU A 251 20.51 -15.94 21.22
CA GLU A 251 19.94 -14.61 21.13
C GLU A 251 19.97 -14.15 19.69
N PRO A 252 19.04 -13.28 19.29
CA PRO A 252 19.06 -12.75 17.92
C PRO A 252 20.24 -11.84 17.70
N PHE A 253 20.67 -11.77 16.43
CA PHE A 253 21.68 -10.82 15.97
C PHE A 253 20.95 -9.64 15.34
N ILE A 254 20.98 -8.50 16.00
CA ILE A 254 20.19 -7.33 15.60
C ILE A 254 21.12 -6.33 14.93
N TYR A 255 20.87 -6.06 13.65
CA TYR A 255 21.63 -5.10 12.86
C TYR A 255 20.78 -3.85 12.63
N GLN A 256 21.46 -2.75 12.30
CA GLN A 256 20.83 -1.55 11.80
C GLN A 256 21.15 -1.39 10.32
N ILE A 257 20.16 -1.06 9.51
CA ILE A 257 20.38 -0.72 8.11
C ILE A 257 20.10 0.77 7.93
N GLY A 258 21.02 1.46 7.28
CA GLY A 258 20.84 2.87 6.99
C GLY A 258 21.03 3.79 8.17
N GLU A 259 21.69 3.36 9.20
CA GLU A 259 21.92 4.19 10.36
C GLU A 259 22.86 5.35 10.06
N ARG A 260 23.95 5.10 9.35
CA ARG A 260 24.85 6.18 8.97
C ARG A 260 24.17 7.21 8.05
N LEU A 261 23.39 6.69 7.11
CA LEU A 261 22.64 7.49 6.20
C LEU A 261 21.64 8.32 6.95
N GLY A 262 20.98 7.74 7.92
CA GLY A 262 20.02 8.41 8.71
C GLY A 262 20.61 9.50 9.53
N SER A 263 21.79 9.26 10.04
CA SER A 263 22.50 10.24 10.78
C SER A 263 22.83 11.44 9.95
N GLU A 264 23.22 11.31 8.69
CA GLU A 264 23.43 12.51 7.89
C GLU A 264 22.14 13.27 7.71
N VAL A 265 21.07 12.55 7.45
CA VAL A 265 19.78 13.16 7.22
C VAL A 265 19.35 13.92 8.45
N ARG A 266 19.56 13.36 9.63
CA ARG A 266 19.26 14.01 10.94
CA ARG A 266 19.26 14.04 10.90
C ARG A 266 19.98 15.40 11.32
N ARG A 267 21.19 15.29 10.80
CA ARG A 267 22.15 16.35 10.78
C ARG A 267 21.66 17.56 9.96
N TYR A 268 21.20 17.29 8.74
CA TYR A 268 20.66 18.29 7.90
C TYR A 268 19.44 18.89 8.57
N GLN A 269 18.59 18.08 9.16
CA GLN A 269 17.43 18.59 9.85
C GLN A 269 17.80 19.44 11.01
N SER A 270 18.83 19.08 11.72
CA SER A 270 19.26 19.84 12.83
C SER A 270 19.67 21.21 12.37
N ILE A 271 20.42 21.31 11.28
CA ILE A 271 20.82 22.61 10.81
C ILE A 271 19.59 23.41 10.42
N ILE A 272 18.68 22.78 9.72
CA ILE A 272 17.48 23.47 9.33
C ILE A 272 16.62 23.93 10.50
N ASP A 273 16.51 23.17 11.57
CA ASP A 273 15.62 23.61 12.65
C ASP A 273 15.95 24.97 13.27
N PRO A 286 16.83 26.42 2.77
CA PRO A 286 17.68 25.24 2.65
C PRO A 286 16.83 24.00 2.74
N HIS A 287 17.06 23.07 1.85
CA HIS A 287 16.26 21.86 1.87
C HIS A 287 16.97 20.54 1.54
N ILE A 288 16.31 19.44 1.86
CA ILE A 288 16.84 18.11 1.64
C ILE A 288 16.19 17.41 0.48
N ARG A 289 16.95 16.88 -0.43
CA ARG A 289 16.41 16.11 -1.51
C ARG A 289 16.58 14.68 -0.96
N ARG A 290 15.48 13.97 -0.76
CA ARG A 290 15.48 12.63 -0.21
C ARG A 290 16.17 11.59 -1.04
N GLY A 291 16.68 10.55 -0.40
CA GLY A 291 17.29 9.47 -1.15
C GLY A 291 16.28 8.55 -1.82
N HIS A 292 16.79 7.65 -2.65
CA HIS A 292 15.98 6.68 -3.38
C HIS A 292 16.91 5.65 -4.00
N TRP A 293 16.36 4.53 -4.42
CA TRP A 293 17.10 3.54 -5.13
C TRP A 293 17.26 4.01 -6.55
N HIS A 294 18.35 3.68 -7.19
CA HIS A 294 18.59 4.10 -8.53
C HIS A 294 19.17 2.93 -9.23
N GLY A 295 18.63 2.55 -10.38
CA GLY A 295 19.18 1.42 -11.09
C GLY A 295 19.41 1.69 -12.55
N TYR A 296 20.26 0.90 -13.20
CA TYR A 296 20.58 1.00 -14.62
C TYR A 296 21.29 -0.20 -15.26
N TRP A 297 21.57 -0.09 -16.57
CA TRP A 297 22.22 -1.14 -17.40
C TRP A 297 23.70 -1.12 -17.67
N GLN A 298 24.21 -2.30 -18.06
CA GLN A 298 25.62 -2.46 -18.30
C GLN A 298 26.00 -3.58 -19.23
N GLY A 301 24.99 -4.32 -24.62
CA GLY A 301 23.90 -4.56 -25.53
C GLY A 301 23.58 -6.02 -25.42
N GLN A 302 24.64 -6.79 -25.51
CA GLN A 302 24.65 -8.24 -25.39
C GLN A 302 25.61 -8.48 -24.27
N ALA A 303 25.28 -9.46 -23.43
CA ALA A 303 25.96 -9.76 -22.16
C ALA A 303 25.85 -8.53 -21.25
N LYS A 304 24.63 -8.00 -21.20
CA LYS A 304 24.29 -6.85 -20.37
C LYS A 304 24.20 -7.25 -18.91
N GLU A 305 24.33 -6.29 -18.02
CA GLU A 305 24.31 -6.53 -16.58
C GLU A 305 23.47 -5.53 -15.80
N PHE A 306 23.20 -5.86 -14.55
CA PHE A 306 22.44 -4.90 -13.76
C PHE A 306 23.18 -4.32 -12.62
N ARG A 307 22.81 -3.11 -12.28
CA ARG A 307 23.38 -2.42 -11.19
C ARG A 307 22.23 -1.68 -10.51
N VAL A 308 22.27 -1.64 -9.19
CA VAL A 308 21.34 -0.87 -8.34
C VAL A 308 22.25 -0.35 -7.25
N ARG A 309 22.04 0.89 -6.86
CA ARG A 309 22.78 1.52 -5.82
C ARG A 309 21.90 2.52 -5.17
N TRP A 310 22.15 2.81 -3.91
CA TRP A 310 21.37 3.80 -3.22
C TRP A 310 21.87 5.17 -3.56
N GLN A 311 20.94 6.11 -3.73
CA GLN A 311 21.23 7.47 -3.97
C GLN A 311 20.92 8.19 -2.70
N PRO A 312 21.92 8.75 -2.08
CA PRO A 312 21.66 9.41 -0.81
C PRO A 312 21.00 10.73 -0.87
N ALA A 313 20.44 11.11 0.22
CA ALA A 313 19.83 12.36 0.35
C ALA A 313 20.88 13.48 0.29
N VAL A 314 20.55 14.60 -0.31
CA VAL A 314 21.43 15.73 -0.41
C VAL A 314 20.87 16.94 0.28
N PHE A 315 21.72 17.85 0.62
CA PHE A 315 21.34 19.10 1.27
C PHE A 315 21.51 20.25 0.29
N VAL A 316 20.46 21.03 0.09
CA VAL A 316 20.43 22.07 -0.93
C VAL A 316 20.40 23.45 -0.26
N ASN A 317 21.17 24.38 -0.80
CA ASN A 317 21.24 25.76 -0.34
C ASN A 317 21.66 25.85 1.13
N SER B 1 -30.83 1.01 5.46
CA SER B 1 -30.16 1.77 6.50
C SER B 1 -29.51 3.03 5.95
N MET B 2 -29.32 4.01 6.82
CA MET B 2 -28.59 5.22 6.43
C MET B 2 -27.11 4.91 6.30
N HIS B 3 -26.49 5.42 5.24
CA HIS B 3 -25.07 5.22 5.05
C HIS B 3 -24.29 5.87 6.20
N HIS B 4 -23.24 5.20 6.66
CA HIS B 4 -22.48 5.72 7.80
CA HIS B 4 -22.47 5.71 7.78
C HIS B 4 -21.91 7.10 7.50
N THR B 5 -21.55 7.37 6.25
CA THR B 5 -21.06 8.71 5.89
C THR B 5 -22.12 9.77 6.18
N ILE B 6 -23.36 9.51 5.77
CA ILE B 6 -24.43 10.47 5.99
C ILE B 6 -24.70 10.65 7.48
N ALA B 7 -24.70 9.55 8.23
CA ALA B 7 -24.94 9.64 9.66
C ALA B 7 -23.87 10.48 10.35
N ARG B 8 -22.60 10.27 9.97
CA ARG B 8 -21.52 11.05 10.57
C ARG B 8 -21.60 12.51 10.14
N MET B 9 -22.01 12.78 8.91
CA MET B 9 -22.18 14.16 8.47
C MET B 9 -23.29 14.85 9.28
N ASN B 10 -24.41 14.16 9.48
CA ASN B 10 -25.50 14.73 10.27
C ASN B 10 -25.05 14.98 11.70
N ALA B 11 -24.32 14.03 12.29
CA ALA B 11 -23.84 14.20 13.66
C ALA B 11 -22.90 15.39 13.76
N PHE B 12 -22.03 15.57 12.76
CA PHE B 12 -21.15 16.74 12.74
C PHE B 12 -21.95 18.02 12.62
N ASN B 13 -22.97 18.03 11.74
CA ASN B 13 -23.82 19.19 11.60
C ASN B 13 -24.53 19.54 12.92
N LYS B 14 -24.86 18.53 13.72
CA LYS B 14 -25.46 18.83 15.03
C LYS B 14 -24.41 19.36 16.00
N ALA B 15 -23.24 18.73 16.04
CA ALA B 15 -22.25 19.03 17.06
C ALA B 15 -21.55 20.36 16.82
N PHE B 16 -21.49 20.80 15.58
CA PHE B 16 -20.95 22.11 15.23
C PHE B 16 -22.14 22.90 14.67
N ALA B 17 -22.82 23.62 15.57
CA ALA B 17 -24.11 24.22 15.24
C ALA B 17 -24.02 25.25 14.12
N ASN B 18 -22.86 25.86 13.92
CA ASN B 18 -22.67 26.88 12.90
C ASN B 18 -22.45 26.30 11.50
N ALA B 19 -22.49 24.98 11.35
CA ALA B 19 -22.11 24.35 10.09
C ALA B 19 -22.97 24.83 8.93
N LYS B 20 -24.28 24.83 9.08
CA LYS B 20 -25.16 25.25 8.01
C LYS B 20 -24.95 26.69 7.56
N ASP B 21 -24.65 27.60 8.50
CA ASP B 21 -24.33 28.98 8.17
C ASP B 21 -23.03 29.01 7.38
N CYS B 22 -22.08 28.19 7.78
CA CYS B 22 -20.84 28.13 7.06
C CYS B 22 -21.06 27.61 5.64
N TYR B 23 -21.93 26.63 5.46
CA TYR B 23 -22.24 26.15 4.13
C TYR B 23 -22.90 27.28 3.31
N LYS B 24 -23.76 28.07 3.94
CA LYS B 24 -24.35 29.21 3.27
C LYS B 24 -23.29 30.22 2.83
N LYS B 25 -22.30 30.45 3.67
CA LYS B 25 -21.22 31.33 3.28
C LYS B 25 -20.46 30.81 2.12
N MET B 26 -20.17 29.53 2.16
CA MET B 26 -19.45 28.88 1.07
C MET B 26 -20.20 29.02 -0.24
N GLN B 27 -21.52 28.82 -0.22
CA GLN B 27 -22.33 29.00 -1.42
C GLN B 27 -22.20 30.42 -1.94
N ALA B 28 -22.29 31.41 -1.04
CA ALA B 28 -22.14 32.80 -1.46
C ALA B 28 -20.81 33.04 -2.14
N TRP B 29 -19.72 32.55 -1.52
CA TRP B 29 -18.40 32.71 -2.13
C TRP B 29 -18.34 32.06 -3.51
N HIS B 30 -18.89 30.84 -3.63
CA HIS B 30 -18.88 30.16 -4.91
C HIS B 30 -19.62 30.97 -5.97
N LEU B 31 -20.78 31.51 -5.60
CA LEU B 31 -21.54 32.31 -6.56
C LEU B 31 -20.76 33.56 -6.94
N LEU B 32 -20.00 34.12 -5.99
CA LEU B 32 -19.23 35.32 -6.28
C LEU B 32 -18.14 35.01 -7.29
N ASN B 33 -17.37 33.95 -7.03
CA ASN B 33 -16.13 33.69 -7.74
C ASN B 33 -16.28 32.74 -8.91
N LYS B 34 -17.22 31.79 -8.85
CA LYS B 34 -17.40 30.85 -9.94
C LYS B 34 -16.07 30.18 -10.37
N PRO B 35 -15.43 29.43 -9.47
CA PRO B 35 -14.19 28.75 -9.86
C PRO B 35 -14.44 27.68 -10.91
N LYS B 36 -13.37 27.33 -11.62
CA LYS B 36 -13.51 26.42 -12.75
C LYS B 36 -13.76 24.99 -12.29
N HIS B 37 -13.14 24.56 -11.21
CA HIS B 37 -13.29 23.17 -10.79
C HIS B 37 -13.75 23.00 -9.36
N ALA B 38 -13.23 23.78 -8.42
CA ALA B 38 -13.54 23.58 -7.03
C ALA B 38 -14.87 24.24 -6.66
N PHE B 39 -15.33 23.94 -5.45
CA PHE B 39 -16.50 24.61 -4.89
C PHE B 39 -16.12 25.79 -3.99
N PHE B 40 -15.14 25.58 -3.12
CA PHE B 40 -14.72 26.55 -2.10
C PHE B 40 -13.34 26.14 -1.61
N PRO B 41 -12.39 27.07 -1.51
CA PRO B 41 -11.01 26.67 -1.20
C PRO B 41 -10.82 26.33 0.27
N MET B 42 -9.98 25.34 0.51
CA MET B 42 -9.64 24.92 1.86
C MET B 42 -9.03 26.10 2.61
N GLN B 43 -8.29 26.93 1.87
CA GLN B 43 -7.64 28.12 2.42
C GLN B 43 -8.59 29.05 3.15
N ASN B 44 -9.76 29.27 2.57
CA ASN B 44 -10.74 30.20 3.14
C ASN B 44 -11.57 29.67 4.29
N THR B 45 -11.43 28.40 4.65
CA THR B 45 -12.24 27.88 5.75
C THR B 45 -12.07 28.62 7.07
N PRO B 46 -10.88 29.09 7.48
CA PRO B 46 -10.81 29.84 8.75
C PRO B 46 -11.71 31.05 8.79
N ALA B 47 -11.90 31.73 7.66
CA ALA B 47 -12.74 32.93 7.63
C ALA B 47 -14.22 32.65 7.84
N LEU B 48 -14.66 31.39 7.65
CA LEU B 48 -16.09 31.10 7.66
C LEU B 48 -16.71 31.35 9.03
N ASP B 49 -16.01 31.01 10.10
CA ASP B 49 -16.53 31.16 11.45
C ASP B 49 -15.54 31.97 12.27
N ASN B 50 -16.05 32.99 12.96
CA ASN B 50 -15.17 33.93 13.63
C ASN B 50 -14.52 33.32 14.87
N GLY B 51 -15.29 32.53 15.64
CA GLY B 51 -14.70 31.84 16.77
C GLY B 51 -13.60 30.89 16.35
N LEU B 52 -13.83 30.12 15.28
CA LEU B 52 -12.79 29.24 14.77
C LEU B 52 -11.59 30.02 14.27
N ALA B 53 -11.82 31.14 13.59
CA ALA B 53 -10.70 31.97 13.14
C ALA B 53 -9.88 32.46 14.33
N ALA B 54 -10.56 32.86 15.41
CA ALA B 54 -9.86 33.34 16.59
C ALA B 54 -9.03 32.24 17.24
N LEU B 55 -9.62 31.05 17.40
CA LEU B 55 -8.89 29.94 17.98
C LEU B 55 -7.74 29.50 17.07
N TYR B 56 -7.95 29.58 15.76
CA TYR B 56 -6.92 29.23 14.77
C TYR B 56 -5.78 30.24 14.79
N GLU B 57 -6.06 31.48 15.20
CA GLU B 57 -5.01 32.49 15.27
C GLU B 57 -4.08 32.32 16.47
N LEU B 58 -4.48 31.55 17.47
CA LEU B 58 -3.61 31.32 18.62
C LEU B 58 -2.37 30.55 18.17
N ARG B 59 -1.27 30.78 18.88
CA ARG B 59 -0.05 30.02 18.63
C ARG B 59 -0.33 28.53 18.81
N GLY B 60 0.03 27.74 17.81
CA GLY B 60 -0.32 26.34 17.79
C GLY B 60 -1.73 26.05 17.33
N GLY B 61 -2.52 27.08 17.04
CA GLY B 61 -3.85 26.86 16.50
C GLY B 61 -3.84 26.30 15.10
N LYS B 62 -2.81 26.64 14.32
CA LYS B 62 -2.68 26.14 12.97
C LYS B 62 -2.18 24.70 12.94
N GLU B 63 -1.78 24.15 14.07
CA GLU B 63 -1.45 22.73 14.18
C GLU B 63 -2.37 21.98 15.14
N ASP B 64 -3.48 22.60 15.56
CA ASP B 64 -4.45 21.92 16.41
C ASP B 64 -5.24 20.89 15.60
N ALA B 65 -5.46 19.71 16.19
CA ALA B 65 -6.13 18.64 15.48
C ALA B 65 -7.64 18.85 15.40
N HIS B 66 -8.26 19.29 16.51
CA HIS B 66 -9.69 19.48 16.54
C HIS B 66 -10.13 20.58 15.58
N ILE B 67 -9.39 21.68 15.56
CA ILE B 67 -9.76 22.83 14.73
C ILE B 67 -9.63 22.48 13.25
N LEU B 68 -8.49 21.90 12.86
CA LEU B 68 -8.33 21.41 11.50
C LEU B 68 -9.37 20.36 11.14
N SER B 69 -9.78 19.53 12.09
CA SER B 69 -10.85 18.58 11.80
C SER B 69 -12.13 19.31 11.39
N ILE B 70 -12.51 20.31 12.19
CA ILE B 70 -13.74 21.05 11.89
C ILE B 70 -13.61 21.78 10.57
N LEU B 71 -12.47 22.43 10.32
CA LEU B 71 -12.28 23.17 9.08
C LEU B 71 -12.31 22.25 7.87
N SER B 72 -11.61 21.10 7.97
CA SER B 72 -11.55 20.16 6.87
C SER B 72 -12.94 19.63 6.54
N ARG B 73 -13.71 19.40 7.58
CA ARG B 73 -15.03 18.91 7.46
C ARG B 73 -16.00 19.90 6.86
N LEU B 74 -15.83 21.15 7.23
CA LEU B 74 -16.62 22.22 6.61
C LEU B 74 -16.35 22.27 5.12
N TYR B 75 -15.07 22.23 4.74
CA TYR B 75 -14.71 22.23 3.32
C TYR B 75 -15.31 21.03 2.59
N LEU B 76 -15.13 19.83 3.18
CA LEU B 76 -15.59 18.60 2.56
C LEU B 76 -17.10 18.58 2.40
N TYR B 77 -17.83 18.71 3.51
CA TYR B 77 -19.27 18.60 3.46
C TYR B 77 -19.88 19.74 2.68
N GLY B 78 -19.29 20.94 2.75
CA GLY B 78 -19.82 22.05 1.98
C GLY B 78 -19.83 21.76 0.49
N ALA B 79 -18.76 21.16 -0.02
CA ALA B 79 -18.81 20.77 -1.44
C ALA B 79 -19.72 19.55 -1.65
N TRP B 80 -19.60 18.54 -0.80
CA TRP B 80 -20.22 17.24 -1.08
C TRP B 80 -21.73 17.24 -0.88
N ARG B 81 -22.25 18.09 0.00
CA ARG B 81 -23.66 18.09 0.35
C ARG B 81 -24.55 18.50 -0.81
N ASN B 82 -23.98 19.13 -1.84
CA ASN B 82 -24.77 19.53 -3.00
C ASN B 82 -25.06 18.37 -3.95
N THR B 83 -24.34 17.25 -3.85
CA THR B 83 -24.59 16.13 -4.75
C THR B 83 -24.77 14.80 -4.03
N LEU B 84 -23.99 14.55 -2.98
CA LEU B 84 -24.07 13.30 -2.22
C LEU B 84 -23.88 12.06 -3.11
N GLY B 85 -22.93 12.15 -4.04
CA GLY B 85 -22.60 11.00 -4.88
C GLY B 85 -21.72 9.98 -4.19
N ILE B 86 -22.23 8.75 -4.07
CA ILE B 86 -21.51 7.61 -3.53
C ILE B 86 -21.36 6.59 -4.64
N TYR B 87 -20.11 6.22 -4.96
CA TYR B 87 -19.81 5.30 -6.05
C TYR B 87 -19.16 4.05 -5.48
N GLN B 88 -19.85 2.92 -5.58
CA GLN B 88 -19.39 1.66 -5.00
C GLN B 88 -18.70 0.83 -6.08
N LEU B 89 -17.43 0.49 -5.87
CA LEU B 89 -16.74 -0.33 -6.86
C LEU B 89 -17.05 -1.81 -6.71
N ASP B 90 -17.31 -2.46 -7.84
CA ASP B 90 -17.52 -3.91 -7.85
C ASP B 90 -16.22 -4.61 -7.47
N GLU B 91 -16.33 -5.63 -6.63
CA GLU B 91 -15.15 -6.32 -6.08
C GLU B 91 -14.27 -6.91 -7.17
N GLU B 92 -14.87 -7.48 -8.23
CA GLU B 92 -14.05 -8.01 -9.32
C GLU B 92 -13.25 -6.91 -9.98
N ILE B 93 -13.77 -5.68 -9.97
CA ILE B 93 -13.00 -4.56 -10.50
C ILE B 93 -12.00 -4.05 -9.45
N ILE B 94 -12.36 -4.10 -8.16
CA ILE B 94 -11.39 -3.78 -7.10
C ILE B 94 -10.11 -4.57 -7.23
N LYS B 95 -10.24 -5.89 -7.38
CA LYS B 95 -9.03 -6.70 -7.36
C LYS B 95 -8.17 -6.47 -8.60
N ASP B 96 -8.74 -5.88 -9.66
CA ASP B 96 -8.01 -5.61 -10.89
C ASP B 96 -7.58 -4.14 -11.05
N CYS B 97 -7.92 -3.26 -10.10
CA CYS B 97 -7.50 -1.85 -10.16
C CYS B 97 -6.29 -1.66 -9.25
N LYS B 98 -5.15 -1.76 -9.88
CA LYS B 98 -3.94 -1.69 -9.17
C LYS B 98 -3.06 -0.59 -9.55
N GLU B 99 -2.94 -0.25 -10.82
CA GLU B 99 -2.11 0.86 -11.13
C GLU B 99 -2.49 1.54 -12.33
N LEU B 100 -1.90 2.67 -12.46
CA LEU B 100 -2.06 3.43 -13.62
C LEU B 100 -0.87 3.29 -14.44
N PRO B 101 -1.10 3.48 -15.71
CA PRO B 101 -0.12 3.55 -16.75
C PRO B 101 0.71 4.69 -16.24
N ASP B 102 1.98 4.46 -16.11
CA ASP B 102 2.86 5.45 -15.52
C ASP B 102 2.97 6.83 -16.23
N ASP B 103 2.69 6.89 -17.53
CA ASP B 103 2.70 8.14 -18.25
C ASP B 103 1.40 8.96 -18.21
N THR B 104 0.47 8.53 -17.38
CA THR B 104 -0.82 9.16 -17.21
C THR B 104 -0.71 10.59 -16.76
N PRO B 105 -1.36 11.47 -17.49
CA PRO B 105 -1.38 12.89 -17.26
C PRO B 105 -2.18 13.27 -16.06
N THR B 106 -1.77 14.32 -15.40
CA THR B 106 -2.54 14.77 -14.27
C THR B 106 -3.83 15.36 -14.74
N SER B 107 -3.83 15.90 -15.93
CA SER B 107 -4.99 16.59 -16.50
C SER B 107 -6.22 15.71 -16.53
N ILE B 108 -6.05 14.39 -16.70
CA ILE B 108 -7.19 13.50 -16.80
C ILE B 108 -8.04 13.54 -15.54
N PHE B 109 -7.46 13.90 -14.40
CA PHE B 109 -8.21 13.96 -13.15
C PHE B 109 -8.93 15.28 -12.96
N LEU B 110 -8.95 16.13 -13.98
CA LEU B 110 -9.85 17.28 -14.01
C LEU B 110 -11.25 16.90 -14.51
N ASN B 111 -11.48 15.62 -14.82
CA ASN B 111 -12.70 15.15 -15.47
C ASN B 111 -13.73 14.59 -14.49
N LEU B 112 -13.62 14.88 -13.20
CA LEU B 112 -14.58 14.36 -12.25
C LEU B 112 -15.93 15.03 -12.44
N PRO B 113 -17.03 14.31 -12.17
CA PRO B 113 -18.35 14.88 -12.50
C PRO B 113 -18.82 15.97 -11.55
N ASP B 114 -18.47 15.91 -10.28
CA ASP B 114 -18.87 16.91 -9.33
C ASP B 114 -17.72 17.55 -8.59
N TRP B 115 -17.99 18.51 -7.73
CA TRP B 115 -16.95 19.12 -6.92
C TRP B 115 -16.31 18.10 -5.99
N CYS B 116 -17.11 17.15 -5.49
CA CYS B 116 -16.67 16.17 -4.53
C CYS B 116 -17.46 14.89 -4.74
N VAL B 117 -16.74 13.77 -4.84
CA VAL B 117 -17.37 12.46 -4.95
C VAL B 117 -16.85 11.58 -3.83
N TYR B 118 -17.69 10.63 -3.40
CA TYR B 118 -17.25 9.60 -2.46
C TYR B 118 -17.14 8.29 -3.21
N VAL B 119 -16.04 7.57 -2.94
CA VAL B 119 -15.74 6.29 -3.58
C VAL B 119 -15.63 5.24 -2.50
N ASP B 120 -16.39 4.15 -2.64
CA ASP B 120 -16.38 3.05 -1.70
C ASP B 120 -15.46 1.94 -2.21
N ILE B 121 -14.34 1.75 -1.51
CA ILE B 121 -13.36 0.73 -1.86
C ILE B 121 -13.10 -0.20 -0.69
N SER B 122 -14.12 -0.48 0.11
CA SER B 122 -13.95 -1.32 1.29
C SER B 122 -13.48 -2.73 0.95
N SER B 123 -13.99 -3.29 -0.15
CA SER B 123 -13.58 -4.63 -0.56
C SER B 123 -12.09 -4.73 -0.90
N ALA B 124 -11.44 -3.60 -1.14
CA ALA B 124 -10.02 -3.63 -1.45
C ALA B 124 -9.16 -4.00 -0.25
N GLN B 125 -9.73 -3.95 0.95
CA GLN B 125 -9.03 -4.32 2.20
C GLN B 125 -7.69 -3.60 2.31
N ILE B 126 -7.73 -2.30 2.05
CA ILE B 126 -6.61 -1.40 2.27
C ILE B 126 -6.74 -0.81 3.67
N ALA B 127 -5.62 -0.60 4.33
CA ALA B 127 -5.64 -0.02 5.66
C ALA B 127 -4.73 1.20 5.71
N THR B 128 -4.77 1.86 6.84
CA THR B 128 -3.99 3.04 7.09
C THR B 128 -3.81 3.26 8.54
N PHE B 129 -3.09 4.32 8.86
CA PHE B 129 -2.80 4.69 10.23
C PHE B 129 -3.25 6.07 10.58
N ASP B 130 -4.24 6.17 11.43
CA ASP B 130 -4.56 7.42 12.09
C ASP B 130 -3.56 6.98 13.17
N ASP B 131 -2.45 7.69 13.26
CA ASP B 131 -1.31 7.31 14.04
C ASP B 131 -1.58 6.79 15.45
N GLY B 132 -1.00 5.63 15.66
CA GLY B 132 -1.26 4.87 16.84
C GLY B 132 -2.23 3.76 16.50
N VAL B 133 -2.91 3.81 15.37
CA VAL B 133 -3.82 2.72 15.08
C VAL B 133 -4.02 2.41 13.63
N ALA B 134 -4.14 1.15 13.34
CA ALA B 134 -4.38 0.69 11.99
C ALA B 134 -5.87 0.59 11.75
N LYS B 135 -6.33 1.11 10.64
CA LYS B 135 -7.74 1.11 10.35
C LYS B 135 -8.08 0.74 8.95
N HIS B 136 -9.21 0.09 8.77
CA HIS B 136 -9.70 -0.29 7.45
C HIS B 136 -10.24 0.95 6.74
N ILE B 137 -9.80 1.17 5.51
CA ILE B 137 -10.31 2.26 4.70
C ILE B 137 -11.62 1.82 4.08
N LYS B 138 -12.74 2.37 4.58
CA LYS B 138 -14.02 2.09 3.95
C LYS B 138 -14.15 2.83 2.63
N GLY B 139 -13.61 4.04 2.55
CA GLY B 139 -13.70 4.76 1.29
C GLY B 139 -12.92 6.04 1.32
N PHE B 140 -13.15 6.89 0.31
CA PHE B 140 -12.48 8.18 0.29
C PHE B 140 -13.28 9.18 -0.53
N TRP B 141 -13.16 10.45 -0.15
CA TRP B 141 -13.66 11.55 -0.96
C TRP B 141 -12.54 12.10 -1.83
N ALA B 142 -12.88 12.41 -3.08
CA ALA B 142 -12.04 13.22 -3.96
C ALA B 142 -12.74 14.55 -4.16
N ILE B 143 -12.04 15.65 -3.87
CA ILE B 143 -12.63 16.98 -3.87
C ILE B 143 -11.64 17.99 -4.42
N TYR B 144 -12.09 18.88 -5.30
CA TYR B 144 -11.19 19.87 -5.89
C TYR B 144 -10.89 21.01 -4.91
N ASP B 145 -9.76 21.66 -5.13
CA ASP B 145 -9.30 22.78 -4.31
C ASP B 145 -8.52 23.75 -5.19
N ILE B 146 -8.43 25.01 -4.72
CA ILE B 146 -7.66 26.05 -5.41
C ILE B 146 -6.61 26.46 -4.41
N VAL B 147 -5.34 26.37 -4.76
CA VAL B 147 -4.29 26.71 -3.81
C VAL B 147 -3.40 27.78 -4.43
N GLU B 148 -3.29 28.92 -3.76
CA GLU B 148 -2.39 29.97 -4.19
C GLU B 148 -1.04 29.77 -3.53
N MET B 149 -0.01 29.57 -4.35
CA MET B 149 1.34 29.40 -3.84
C MET B 149 2.23 30.36 -4.62
N ASN B 150 2.84 31.29 -3.88
CA ASN B 150 3.72 32.32 -4.43
C ASN B 150 3.06 33.16 -5.53
N GLY B 151 1.84 33.62 -5.25
CA GLY B 151 1.12 34.46 -6.19
C GLY B 151 0.24 33.82 -7.25
N ILE B 152 0.22 32.48 -7.31
CA ILE B 152 -0.62 31.84 -8.33
C ILE B 152 -1.46 30.68 -7.84
N ASN B 153 -2.72 30.67 -8.28
CA ASN B 153 -3.68 29.64 -7.98
C ASN B 153 -3.31 28.38 -8.75
N HIS B 154 -3.56 27.24 -8.12
CA HIS B 154 -3.16 25.94 -8.63
C HIS B 154 -4.35 25.03 -8.44
N ASP B 155 -4.60 24.19 -9.45
CA ASP B 155 -5.67 23.21 -9.36
C ASP B 155 -5.15 22.03 -8.55
N VAL B 156 -5.84 21.69 -7.47
CA VAL B 156 -5.42 20.61 -6.60
C VAL B 156 -6.58 19.65 -6.44
N LEU B 157 -6.29 18.36 -6.39
CA LEU B 157 -7.27 17.35 -6.03
C LEU B 157 -6.92 16.85 -4.64
N ASP B 158 -7.83 17.02 -3.69
CA ASP B 158 -7.65 16.58 -2.32
C ASP B 158 -8.33 15.25 -2.11
N PHE B 159 -7.69 14.40 -1.31
CA PHE B 159 -8.22 13.09 -0.95
C PHE B 159 -8.47 13.08 0.55
N VAL B 160 -9.67 12.67 0.94
CA VAL B 160 -10.04 12.57 2.35
C VAL B 160 -10.40 11.13 2.64
N VAL B 161 -9.67 10.51 3.56
CA VAL B 161 -9.84 9.09 3.87
C VAL B 161 -11.02 8.93 4.82
N ASP B 162 -11.81 7.87 4.60
CA ASP B 162 -12.93 7.55 5.47
C ASP B 162 -12.73 6.14 6.01
N THR B 163 -12.50 6.07 7.33
CA THR B 163 -12.36 4.83 8.06
C THR B 163 -13.58 4.50 8.91
N ASP B 164 -14.62 5.34 8.86
CA ASP B 164 -15.84 5.14 9.65
C ASP B 164 -15.53 4.98 11.13
N THR B 165 -14.78 5.94 11.67
CA THR B 165 -14.43 5.93 13.09
C THR B 165 -14.62 7.31 13.67
N ASP B 166 -14.87 7.36 14.99
CA ASP B 166 -15.10 8.64 15.66
C ASP B 166 -13.90 9.57 15.52
N ASP B 167 -12.68 9.01 15.64
CA ASP B 167 -11.46 9.81 15.58
C ASP B 167 -10.85 9.82 14.19
N ASN B 168 -11.67 9.65 13.15
CA ASN B 168 -11.17 9.66 11.78
C ASN B 168 -10.46 10.97 11.46
N VAL B 169 -9.34 10.89 10.76
CA VAL B 169 -8.59 12.06 10.33
C VAL B 169 -9.17 12.52 8.99
N TYR B 170 -9.86 13.65 9.00
CA TYR B 170 -10.49 14.19 7.83
C TYR B 170 -9.64 15.18 7.09
N VAL B 171 -8.41 15.41 7.52
CA VAL B 171 -7.54 16.40 6.88
C VAL B 171 -7.26 15.97 5.45
N PRO B 172 -7.45 16.84 4.46
CA PRO B 172 -7.23 16.43 3.07
C PRO B 172 -5.76 16.22 2.77
N GLN B 173 -5.50 15.36 1.78
CA GLN B 173 -4.17 15.10 1.26
C GLN B 173 -4.11 15.62 -0.17
N PRO B 174 -3.29 16.62 -0.47
CA PRO B 174 -3.33 17.25 -1.79
C PRO B 174 -2.57 16.47 -2.85
N PHE B 175 -2.99 16.70 -4.09
CA PHE B 175 -2.38 16.11 -5.26
C PHE B 175 -2.48 17.16 -6.36
N ILE B 176 -1.36 17.82 -6.64
CA ILE B 176 -1.31 18.89 -7.63
C ILE B 176 -1.62 18.43 -9.05
N LEU B 177 -2.35 19.25 -9.79
CA LEU B 177 -2.72 18.94 -11.17
C LEU B 177 -2.40 20.11 -12.10
N SER B 178 -2.09 21.27 -11.53
CA SER B 178 -1.84 22.44 -12.36
C SER B 178 -0.44 22.50 -13.02
N SER B 179 -0.16 21.52 -13.86
CA SER B 179 1.04 21.37 -14.63
C SER B 179 0.72 20.43 -15.77
N GLY B 180 1.58 20.39 -16.77
CA GLY B 180 1.40 19.54 -17.92
C GLY B 180 2.13 18.23 -17.79
N GLN B 181 2.56 17.91 -16.59
CA GLN B 181 3.28 16.74 -16.19
C GLN B 181 2.42 15.50 -15.94
N SER B 182 3.07 14.39 -15.61
CA SER B 182 2.41 13.15 -15.37
C SER B 182 2.28 12.83 -13.93
N VAL B 183 1.44 11.87 -13.63
CA VAL B 183 1.22 11.41 -12.29
C VAL B 183 2.52 11.00 -11.64
N ALA B 184 3.32 10.23 -12.35
CA ALA B 184 4.59 9.80 -11.81
C ALA B 184 5.52 10.97 -11.48
N GLU B 185 5.55 11.95 -12.35
CA GLU B 185 6.35 13.10 -12.10
C GLU B 185 5.92 13.87 -10.86
N VAL B 186 4.63 14.09 -10.65
CA VAL B 186 4.17 14.84 -9.51
C VAL B 186 4.31 14.01 -8.30
N LEU B 187 3.89 12.79 -8.39
CA LEU B 187 4.04 11.90 -7.28
C LEU B 187 5.43 11.44 -6.97
N ASP B 188 6.16 11.07 -8.00
CA ASP B 188 7.45 10.44 -7.83
C ASP B 188 8.71 11.21 -7.97
N TYR B 189 8.63 12.51 -8.00
CA TYR B 189 9.85 13.25 -7.98
C TYR B 189 9.53 13.95 -6.73
N GLY B 190 8.57 14.82 -6.88
CA GLY B 190 7.94 15.71 -5.89
C GLY B 190 7.61 16.97 -6.68
N ASP B 197 5.15 11.96 1.17
CA ASP B 197 5.41 10.70 0.47
C ASP B 197 4.57 9.64 1.11
N THR B 198 4.22 9.80 2.38
CA THR B 198 3.29 8.87 3.00
C THR B 198 1.95 9.11 2.28
N SER B 199 1.65 10.41 2.16
CA SER B 199 0.52 10.95 1.48
C SER B 199 0.65 10.55 0.05
N ASN B 200 1.83 10.68 -0.53
CA ASN B 200 1.94 10.33 -1.93
C ASN B 200 1.67 8.86 -2.21
N THR B 201 2.10 8.01 -1.33
CA THR B 201 1.89 6.61 -1.46
C THR B 201 0.42 6.30 -1.38
N LEU B 202 -0.26 6.94 -0.46
CA LEU B 202 -1.69 6.73 -0.33
C LEU B 202 -2.42 7.20 -1.56
N ILE B 203 -2.01 8.31 -2.10
CA ILE B 203 -2.68 8.81 -3.23
C ILE B 203 -2.48 7.93 -4.41
N LYS B 204 -1.27 7.49 -4.62
CA LYS B 204 -0.90 6.64 -5.73
C LYS B 204 -1.72 5.35 -5.73
N GLY B 205 -2.10 4.87 -4.54
CA GLY B 205 -2.97 3.71 -4.47
C GLY B 205 -4.42 4.00 -4.81
N LEU B 206 -4.90 5.21 -4.54
CA LEU B 206 -6.30 5.53 -4.76
C LEU B 206 -6.62 5.97 -6.18
N LEU B 207 -5.63 6.49 -6.91
CA LEU B 207 -5.89 6.95 -8.27
C LEU B 207 -6.49 5.87 -9.19
N PRO B 208 -6.05 4.60 -9.16
CA PRO B 208 -6.70 3.62 -10.05
C PRO B 208 -8.20 3.50 -9.84
N TYR B 209 -8.66 3.61 -8.59
CA TYR B 209 -10.10 3.56 -8.34
C TYR B 209 -10.80 4.81 -8.84
N LEU B 210 -10.22 5.98 -8.58
CA LEU B 210 -10.83 7.24 -9.00
C LEU B 210 -10.86 7.39 -10.52
N LEU B 211 -10.00 6.67 -11.24
CA LEU B 211 -9.91 6.84 -12.68
C LEU B 211 -11.24 6.52 -13.38
N TRP B 212 -12.06 5.66 -12.76
CA TRP B 212 -13.32 5.27 -13.37
C TRP B 212 -14.23 6.47 -13.61
N LEU B 213 -14.17 7.47 -12.74
CA LEU B 213 -14.99 8.67 -12.88
C LEU B 213 -14.34 9.71 -13.78
N CYS B 214 -13.26 9.36 -14.48
CA CYS B 214 -12.56 10.29 -15.35
C CYS B 214 -12.45 9.82 -16.80
N VAL B 215 -12.55 8.52 -17.06
CA VAL B 215 -12.32 7.99 -18.40
C VAL B 215 -13.56 8.18 -19.27
N ALA B 216 -13.35 8.13 -20.58
CA ALA B 216 -14.44 8.39 -21.53
C ALA B 216 -15.46 7.25 -21.55
N GLU B 217 -15.04 6.03 -21.24
CA GLU B 217 -15.92 4.85 -21.32
C GLU B 217 -15.92 4.12 -19.99
N PRO B 218 -16.64 4.63 -19.00
CA PRO B 218 -16.75 3.93 -17.72
C PRO B 218 -17.89 2.92 -17.75
N ASP B 219 -17.94 2.10 -16.70
CA ASP B 219 -19.06 1.21 -16.45
C ASP B 219 -19.72 1.68 -15.16
N ILE B 220 -20.68 2.60 -15.32
CA ILE B 220 -21.42 3.17 -14.20
C ILE B 220 -22.90 2.84 -14.38
N THR B 221 -23.52 2.33 -13.32
CA THR B 221 -24.94 2.04 -13.32
C THR B 221 -25.59 2.65 -12.09
N TYR B 222 -26.84 3.08 -12.27
CA TYR B 222 -27.69 3.57 -11.18
C TYR B 222 -28.93 2.68 -11.13
N LYS B 223 -29.06 1.92 -10.05
CA LYS B 223 -30.17 0.99 -9.85
C LYS B 223 -30.31 0.05 -11.05
N GLY B 224 -29.17 -0.37 -11.60
CA GLY B 224 -29.15 -1.27 -12.74
C GLY B 224 -29.21 -0.60 -14.09
N LEU B 225 -29.41 0.71 -14.15
CA LEU B 225 -29.51 1.34 -15.45
C LEU B 225 -28.17 1.97 -15.84
N PRO B 226 -27.73 1.84 -17.05
CA PRO B 226 -26.46 2.43 -17.42
C PRO B 226 -26.47 3.94 -17.45
N VAL B 227 -25.41 4.53 -16.97
CA VAL B 227 -25.25 5.93 -16.98
C VAL B 227 -24.08 6.19 -17.85
N SER B 228 -24.34 6.87 -18.89
CA SER B 228 -23.33 7.23 -19.81
C SER B 228 -22.51 8.37 -19.31
N ARG B 229 -21.36 8.54 -19.93
CA ARG B 229 -20.48 9.60 -19.59
C ARG B 229 -21.15 10.94 -19.83
N GLU B 230 -21.89 11.10 -20.91
CA GLU B 230 -22.64 12.29 -21.17
C GLU B 230 -23.70 12.46 -20.08
N GLU B 231 -24.38 11.41 -19.71
CA GLU B 231 -25.40 11.45 -18.68
C GLU B 231 -24.78 11.95 -17.35
N LEU B 232 -23.63 11.42 -16.97
CA LEU B 232 -22.95 11.73 -15.73
C LEU B 232 -22.54 13.19 -15.67
N THR B 233 -22.13 13.74 -16.81
CA THR B 233 -21.70 15.13 -16.93
C THR B 233 -22.85 16.10 -17.21
N ARG B 234 -24.04 15.58 -17.51
CA ARG B 234 -25.20 16.41 -17.81
C ARG B 234 -25.39 17.43 -16.68
N PRO B 235 -25.41 18.73 -16.99
CA PRO B 235 -25.44 19.75 -15.93
C PRO B 235 -26.65 19.59 -15.03
N LYS B 236 -26.42 19.76 -13.73
CA LYS B 236 -27.49 19.70 -12.76
C LYS B 236 -28.14 21.07 -12.61
N HIS B 237 -29.38 21.07 -12.12
CA HIS B 237 -30.13 22.31 -11.98
C HIS B 237 -30.33 22.66 -10.51
N ILE B 239 -29.61 24.79 -8.04
CA ILE B 239 -29.73 26.23 -7.81
C ILE B 239 -31.00 26.83 -8.42
N ASN B 240 -31.84 27.35 -7.52
CA ASN B 240 -33.07 28.04 -7.90
C ASN B 240 -32.72 29.32 -8.66
N LYS B 241 -33.23 29.44 -9.88
CA LYS B 241 -32.83 30.51 -10.78
C LYS B 241 -33.43 31.87 -10.40
N LYS B 242 -34.46 31.88 -9.56
CA LYS B 242 -35.09 33.13 -9.16
C LYS B 242 -34.75 33.52 -7.73
N THR B 243 -34.13 32.62 -6.98
CA THR B 243 -33.80 32.83 -5.58
C THR B 243 -32.31 32.70 -5.29
N GLY B 244 -31.56 32.01 -6.15
CA GLY B 244 -30.15 31.79 -5.91
C GLY B 244 -29.85 30.81 -4.82
N ALA B 245 -30.87 30.19 -4.23
CA ALA B 245 -30.64 29.20 -3.19
C ALA B 245 -30.13 27.90 -3.80
N PHE B 246 -29.49 27.08 -2.99
CA PHE B 246 -29.01 25.80 -3.43
C PHE B 246 -30.01 24.74 -3.00
N VAL B 247 -30.22 23.73 -3.82
CA VAL B 247 -31.07 22.65 -3.36
C VAL B 247 -30.17 21.47 -3.22
N THR B 248 -30.24 20.87 -2.08
CA THR B 248 -29.43 19.77 -1.79
C THR B 248 -30.21 18.50 -1.59
N PRO B 249 -29.65 17.35 -1.94
CA PRO B 249 -30.33 16.07 -1.80
C PRO B 249 -30.58 15.74 -0.33
N SER B 250 -31.67 15.03 -0.08
CA SER B 250 -31.97 14.53 1.25
C SER B 250 -31.47 13.11 1.46
N GLU B 251 -31.13 12.40 0.39
CA GLU B 251 -30.54 11.07 0.42
C GLU B 251 -29.38 11.01 -0.55
N PRO B 252 -28.39 10.16 -0.29
CA PRO B 252 -27.27 10.01 -1.23
C PRO B 252 -27.71 9.34 -2.53
N PHE B 253 -26.98 9.64 -3.59
CA PHE B 253 -27.14 8.98 -4.88
C PHE B 253 -26.05 7.92 -4.99
N ILE B 254 -26.46 6.65 -4.90
CA ILE B 254 -25.52 5.54 -4.81
C ILE B 254 -25.44 4.84 -6.16
N TYR B 255 -24.25 4.86 -6.77
CA TYR B 255 -23.97 4.23 -8.05
C TYR B 255 -23.12 2.98 -7.86
N GLN B 256 -23.16 2.11 -8.87
CA GLN B 256 -22.23 0.99 -8.98
C GLN B 256 -21.25 1.28 -10.11
N ILE B 257 -19.97 1.03 -9.87
CA ILE B 257 -18.97 1.10 -10.93
C ILE B 257 -18.47 -0.30 -11.21
N GLY B 258 -18.46 -0.67 -12.50
CA GLY B 258 -17.94 -1.96 -12.89
C GLY B 258 -18.82 -3.14 -12.57
N GLU B 259 -20.10 -2.93 -12.28
CA GLU B 259 -20.95 -4.08 -11.98
C GLU B 259 -21.13 -4.98 -13.19
N ARG B 260 -21.40 -4.41 -14.35
CA ARG B 260 -21.56 -5.22 -15.54
C ARG B 260 -20.31 -6.07 -15.82
N LEU B 261 -19.15 -5.45 -15.65
CA LEU B 261 -17.92 -6.12 -15.81
C LEU B 261 -17.77 -7.22 -14.81
N GLY B 262 -18.14 -6.98 -13.58
CA GLY B 262 -18.07 -7.94 -12.55
C GLY B 262 -18.96 -9.11 -12.78
N SER B 263 -20.13 -8.83 -13.30
CA SER B 263 -21.12 -9.80 -13.61
C SER B 263 -20.57 -10.72 -14.69
N GLU B 264 -19.93 -10.15 -15.68
CA GLU B 264 -19.31 -10.95 -16.68
C GLU B 264 -18.22 -11.85 -16.09
N VAL B 265 -17.40 -11.32 -15.18
CA VAL B 265 -16.36 -12.11 -14.54
C VAL B 265 -16.99 -13.19 -13.67
N ARG B 266 -18.06 -12.85 -12.95
CA ARG B 266 -18.71 -13.83 -12.08
CA ARG B 266 -18.73 -13.82 -12.08
C ARG B 266 -19.24 -15.03 -12.87
N ARG B 267 -19.63 -14.81 -14.13
CA ARG B 267 -20.08 -15.92 -14.96
C ARG B 267 -18.91 -16.83 -15.31
N TYR B 268 -17.75 -16.26 -15.63
CA TYR B 268 -16.57 -17.07 -15.91
C TYR B 268 -16.24 -17.98 -14.72
N GLN B 269 -16.30 -17.43 -13.50
CA GLN B 269 -15.93 -18.22 -12.33
C GLN B 269 -16.93 -19.33 -12.05
N SER B 270 -18.16 -19.15 -12.50
CA SER B 270 -19.15 -20.13 -12.23
C SER B 270 -18.91 -21.35 -13.08
N ILE B 271 -18.33 -21.14 -14.22
CA ILE B 271 -18.03 -22.25 -15.06
C ILE B 271 -16.87 -23.05 -14.44
N ILE B 272 -15.93 -22.28 -13.87
CA ILE B 272 -14.68 -22.53 -13.12
C ILE B 272 -13.48 -22.29 -13.97
N PRO B 286 -10.46 -22.13 -19.48
CA PRO B 286 -10.18 -22.82 -18.24
C PRO B 286 -9.67 -21.86 -17.16
N HIS B 287 -9.31 -20.65 -17.58
CA HIS B 287 -8.78 -19.67 -16.63
C HIS B 287 -9.16 -18.27 -17.07
N ILE B 288 -9.14 -17.35 -16.11
CA ILE B 288 -9.49 -15.95 -16.35
C ILE B 288 -8.22 -15.12 -16.34
N ARG B 289 -8.05 -14.32 -17.38
CA ARG B 289 -7.01 -13.29 -17.45
C ARG B 289 -7.64 -11.96 -17.04
N ARG B 290 -7.24 -11.45 -15.87
CA ARG B 290 -7.94 -10.33 -15.24
C ARG B 290 -7.77 -9.05 -16.06
N GLY B 291 -8.68 -8.10 -15.84
CA GLY B 291 -8.61 -6.81 -16.49
C GLY B 291 -7.62 -5.87 -15.83
N HIS B 292 -7.40 -4.74 -16.49
CA HIS B 292 -6.48 -3.71 -16.02
C HIS B 292 -6.69 -2.45 -16.84
N TRP B 293 -6.20 -1.33 -16.31
CA TRP B 293 -6.14 -0.12 -17.10
C TRP B 293 -5.11 -0.25 -18.21
N HIS B 294 -5.39 0.35 -19.24
CA HIS B 294 -4.44 0.32 -20.32
C HIS B 294 -4.41 1.68 -20.89
N GLY B 295 -3.23 2.26 -21.03
CA GLY B 295 -3.15 3.59 -21.60
C GLY B 295 -2.13 3.73 -22.70
N TYR B 296 -2.26 4.75 -23.54
CA TYR B 296 -1.34 5.05 -24.63
C TYR B 296 -1.43 6.44 -25.26
N TRP B 297 -0.59 6.70 -26.27
CA TRP B 297 -0.48 7.99 -26.98
C TRP B 297 -1.19 8.22 -28.30
N GLN B 298 -1.34 9.51 -28.63
CA GLN B 298 -2.06 9.90 -29.82
C GLN B 298 -1.72 11.25 -30.37
N GLY B 301 3.02 13.12 -32.57
CA GLY B 301 4.39 13.50 -32.30
C GLY B 301 4.32 14.83 -31.60
N GLN B 302 3.58 15.73 -32.22
CA GLN B 302 3.32 17.09 -31.76
C GLN B 302 1.83 17.19 -31.82
N ALA B 303 1.26 17.86 -30.81
CA ALA B 303 -0.18 17.91 -30.52
C ALA B 303 -0.67 16.49 -30.21
N LYS B 304 0.12 15.82 -29.37
CA LYS B 304 -0.16 14.46 -28.91
C LYS B 304 -1.29 14.48 -27.89
N GLU B 305 -1.95 13.35 -27.71
CA GLU B 305 -3.08 13.22 -26.80
C GLU B 305 -3.05 11.97 -25.94
N PHE B 306 -3.88 11.93 -24.93
CA PHE B 306 -3.88 10.73 -24.11
C PHE B 306 -5.18 9.97 -24.16
N ARG B 307 -5.05 8.68 -23.98
CA ARG B 307 -6.16 7.80 -23.96
C ARG B 307 -5.88 6.79 -22.85
N VAL B 308 -6.93 6.43 -22.12
CA VAL B 308 -6.91 5.37 -21.11
C VAL B 308 -8.26 4.70 -21.31
N ARG B 309 -8.13 3.38 -21.40
CA ARG B 309 -9.35 2.60 -21.45
C ARG B 309 -9.18 1.36 -20.59
N TRP B 310 -10.30 0.82 -20.15
CA TRP B 310 -10.28 -0.40 -19.37
C TRP B 310 -10.13 -1.58 -20.31
N GLN B 311 -9.30 -2.53 -19.96
CA GLN B 311 -9.17 -3.71 -20.73
C GLN B 311 -9.91 -4.73 -19.93
N PRO B 312 -10.97 -5.29 -20.48
CA PRO B 312 -11.79 -6.22 -19.69
C PRO B 312 -11.07 -7.54 -19.48
N ALA B 313 -11.48 -8.24 -18.43
CA ALA B 313 -11.02 -9.60 -18.23
C ALA B 313 -11.48 -10.46 -19.41
N VAL B 314 -10.63 -11.39 -19.83
CA VAL B 314 -10.95 -12.28 -20.93
C VAL B 314 -10.99 -13.71 -20.43
N PHE B 315 -11.69 -14.57 -21.16
CA PHE B 315 -11.79 -15.96 -20.73
C PHE B 315 -11.13 -16.87 -21.78
N VAL B 316 -10.20 -17.71 -21.30
CA VAL B 316 -9.30 -18.55 -22.09
C VAL B 316 -9.65 -20.02 -21.87
N ASN B 317 -9.53 -20.79 -22.95
CA ASN B 317 -9.77 -22.24 -22.99
C ASN B 317 -11.21 -22.52 -22.59
N1 SPD C . 29.32 -11.19 10.63
C2 SPD C . 28.42 -10.66 11.61
C3 SPD C . 29.09 -9.86 12.69
C4 SPD C . 28.33 -10.03 13.96
C5 SPD C . 29.09 -9.89 15.25
N6 SPD C . 30.03 -10.91 15.56
C7 SPD C . 30.55 -11.08 16.86
C8 SPD C . 31.82 -11.91 16.94
C9 SPD C . 32.70 -12.02 15.73
N10 SPD C . 34.11 -11.76 15.94
C1 EDO D . 31.56 -16.24 14.53
O1 EDO D . 31.63 -15.81 13.17
C2 EDO D . 30.20 -16.19 15.22
O2 EDO D . 29.45 -14.98 15.19
C1 EDO E . 2.25 -27.59 0.77
O1 EDO E . 2.91 -26.56 0.02
C2 EDO E . 2.11 -27.16 2.22
O2 EDO E . 1.39 -25.92 2.29
C1 EDO F . 3.32 -22.08 -0.90
O1 EDO F . 4.68 -21.70 -0.98
C2 EDO F . 2.73 -21.45 0.34
O2 EDO F . 1.54 -22.13 0.74
C1 EDO G . 16.06 -19.01 21.98
O1 EDO G . 15.02 -19.44 21.16
C2 EDO G . 15.77 -17.74 22.72
O2 EDO G . 15.13 -17.94 23.95
C1 EDO H . -3.70 -10.91 20.05
O1 EDO H . -4.44 -10.38 18.98
C2 EDO H . -2.56 -9.99 20.33
O2 EDO H . -1.85 -10.52 21.42
C1 EDO I . 25.19 -16.86 11.70
O1 EDO I . 25.29 -18.28 11.72
C2 EDO I . 24.11 -16.51 12.70
O2 EDO I . 24.12 -15.14 12.97
C1 EDO J . 32.24 -7.04 11.62
O1 EDO J . 33.58 -7.51 11.50
C2 EDO J . 31.98 -6.21 12.85
O2 EDO J . 31.62 -6.96 14.00
N1 SPD K . 27.15 9.66 0.90
C2 SPD K . 26.68 10.30 2.12
C3 SPD K . 26.30 9.23 3.13
C4 SPD K . 27.47 8.94 4.06
C5 SPD K . 27.24 7.64 4.83
N6 SPD K . 27.24 6.52 3.91
C7 SPD K . 27.62 5.31 4.62
C8 SPD K . 26.80 4.12 4.11
C9 SPD K . 27.29 3.69 2.72
N10 SPD K . 26.15 3.34 1.90
N1 SPD L . -16.27 -6.27 -22.95
C2 SPD L . -16.85 -7.23 -22.03
C3 SPD L . -17.53 -6.48 -20.88
C4 SPD L . -19.03 -6.38 -21.16
C5 SPD L . -19.67 -5.31 -20.27
N6 SPD L . -19.16 -4.00 -20.62
C7 SPD L . -20.01 -2.97 -20.05
C8 SPD L . -19.19 -1.85 -19.43
C9 SPD L . -18.56 -0.96 -20.50
N10 SPD L . -17.20 -0.61 -20.10
C1 EDO M . -3.99 21.21 1.60
O1 EDO M . -5.12 21.52 0.81
C2 EDO M . -4.13 21.80 2.97
O2 EDO M . -4.49 20.78 3.87
C1 EDO N . -29.63 13.93 5.95
O1 EDO N . -29.90 12.55 5.94
C2 EDO N . -28.80 14.32 4.78
O2 EDO N . -28.32 15.59 5.09
#